data_5HT7
#
_entry.id   5HT7
#
_cell.length_a   94.732
_cell.length_b   52.821
_cell.length_c   51.718
_cell.angle_alpha   90.00
_cell.angle_beta   100.48
_cell.angle_gamma   90.00
#
_symmetry.space_group_name_H-M   'C 1 2 1'
#
loop_
_entity.id
_entity.type
_entity.pdbx_description
1 polymer 'Uncharacterized protein'
2 non-polymer 'FE (II) ION'
3 water water
#
_entity_poly.entity_id   1
_entity_poly.type   'polypeptide(L)'
_entity_poly.pdbx_seq_one_letter_code
;MAVLFADANQRGVHKHIFESDADVGADIAFNATPRSMVVLSGVWRLYREPNFQSPYEAEFGPGIYPSIADYGINVIGSMK
RIS
;
_entity_poly.pdbx_strand_id   A,B,C
#
loop_
_chem_comp.id
_chem_comp.type
_chem_comp.name
_chem_comp.formula
FE2 non-polymer 'FE (II) ION' 'Fe 2'
#
# COMPACT_ATOMS: atom_id res chain seq x y z
N ALA A 2 9.87 1.17 0.80
CA ALA A 2 9.94 0.12 -0.20
C ALA A 2 8.68 -0.70 -0.18
N VAL A 3 8.42 -1.43 -1.26
CA VAL A 3 7.31 -2.38 -1.27
C VAL A 3 7.80 -3.75 -1.72
N LEU A 4 7.44 -4.79 -0.95
CA LEU A 4 7.77 -6.18 -1.29
C LEU A 4 6.55 -6.84 -1.87
N PHE A 5 6.76 -7.76 -2.79
CA PHE A 5 5.66 -8.46 -3.46
C PHE A 5 5.92 -9.96 -3.45
N ALA A 6 4.89 -10.74 -3.17
CA ALA A 6 5.01 -12.19 -3.16
C ALA A 6 5.37 -12.79 -4.52
N ASP A 7 4.86 -12.21 -5.60
CA ASP A 7 5.16 -12.75 -6.92
C ASP A 7 6.08 -11.83 -7.71
N ALA A 8 6.68 -12.37 -8.76
CA ALA A 8 7.49 -11.56 -9.64
C ALA A 8 6.65 -10.49 -10.32
N ASN A 9 7.31 -9.43 -10.79
CA ASN A 9 6.67 -8.37 -11.55
C ASN A 9 5.58 -7.63 -10.78
N GLN A 10 5.82 -7.47 -9.46
CA GLN A 10 5.00 -6.60 -8.62
C GLN A 10 3.55 -7.08 -8.57
N ARG A 11 3.38 -8.38 -8.36
CA ARG A 11 2.06 -8.97 -8.23
C ARG A 11 2.01 -9.83 -6.98
N GLY A 12 0.82 -10.27 -6.60
CA GLY A 12 0.65 -11.03 -5.37
C GLY A 12 0.51 -10.13 -4.16
N VAL A 13 0.34 -10.72 -2.99
CA VAL A 13 0.22 -9.93 -1.76
C VAL A 13 1.48 -9.06 -1.59
N HIS A 14 1.31 -7.87 -1.04
CA HIS A 14 2.43 -6.95 -0.93
C HIS A 14 2.57 -6.45 0.49
N LYS A 15 3.73 -5.88 0.79
CA LYS A 15 4.09 -5.42 2.11
C LYS A 15 4.87 -4.11 2.01
N HIS A 16 4.38 -3.09 2.71
CA HIS A 16 5.06 -1.79 2.76
C HIS A 16 6.08 -1.74 3.86
N ILE A 17 7.26 -1.25 3.52
CA ILE A 17 8.34 -1.11 4.49
C ILE A 17 8.65 0.37 4.70
N PHE A 18 8.52 0.84 5.93
CA PHE A 18 8.82 2.22 6.23
C PHE A 18 10.07 2.27 7.07
N GLU A 19 11.14 2.76 6.45
CA GLU A 19 12.46 2.93 7.10
C GLU A 19 13.18 1.61 7.35
N SER A 20 12.52 0.67 8.01
CA SER A 20 13.14 -0.63 8.25
C SER A 20 12.12 -1.65 8.68
N ASP A 21 12.54 -2.92 8.63
CA ASP A 21 11.78 -4.00 9.24
C ASP A 21 12.77 -5.00 9.79
N ALA A 22 12.82 -5.14 11.11
CA ALA A 22 13.81 -6.00 11.75
C ALA A 22 13.41 -7.47 11.70
N ASP A 23 12.20 -7.76 11.23
CA ASP A 23 11.71 -9.14 11.26
C ASP A 23 10.59 -9.33 10.24
N VAL A 24 10.95 -9.34 8.95
CA VAL A 24 9.95 -9.44 7.88
C VAL A 24 9.11 -10.70 8.05
N GLY A 25 9.75 -11.80 8.44
CA GLY A 25 9.07 -13.07 8.58
C GLY A 25 8.12 -13.19 9.75
N ALA A 26 8.10 -12.18 10.61
CA ALA A 26 7.19 -12.16 11.75
C ALA A 26 5.81 -11.65 11.32
N ASP A 27 5.71 -11.16 10.08
CA ASP A 27 4.46 -10.65 9.54
C ASP A 27 3.61 -11.80 8.98
N ILE A 28 2.64 -12.24 9.76
CA ILE A 28 1.80 -13.38 9.36
C ILE A 28 0.96 -13.10 8.12
N ALA A 29 0.69 -11.83 7.86
CA ALA A 29 -0.11 -11.43 6.70
C ALA A 29 0.71 -11.48 5.43
N PHE A 30 2.02 -11.65 5.58
CA PHE A 30 2.91 -11.76 4.43
C PHE A 30 3.58 -13.13 4.47
N ASN A 31 2.76 -14.17 4.39
CA ASN A 31 3.23 -15.54 4.46
C ASN A 31 3.78 -16.00 3.11
N ALA A 32 4.91 -15.40 2.70
CA ALA A 32 5.54 -15.73 1.44
C ALA A 32 6.93 -15.13 1.37
N THR A 33 7.81 -15.79 0.63
CA THR A 33 9.10 -15.20 0.31
C THR A 33 8.86 -14.16 -0.76
N PRO A 34 9.48 -12.99 -0.60
CA PRO A 34 9.26 -11.96 -1.62
C PRO A 34 9.97 -12.29 -2.93
N ARG A 35 9.33 -12.00 -4.06
CA ARG A 35 9.94 -12.27 -5.36
C ARG A 35 10.14 -11.04 -6.22
N SER A 36 9.56 -9.91 -5.80
CA SER A 36 9.91 -8.65 -6.44
C SER A 36 9.78 -7.52 -5.44
N MET A 37 10.24 -6.34 -5.84
CA MET A 37 10.34 -5.22 -4.93
C MET A 37 10.33 -3.90 -5.68
N VAL A 38 9.71 -2.90 -5.08
CA VAL A 38 9.82 -1.55 -5.59
C VAL A 38 10.43 -0.68 -4.51
N VAL A 39 11.44 0.09 -4.88
CA VAL A 39 12.03 1.04 -3.94
C VAL A 39 11.62 2.43 -4.39
N LEU A 40 10.95 3.17 -3.51
CA LEU A 40 10.42 4.48 -3.86
C LEU A 40 11.41 5.60 -3.54
N SER A 41 12.14 5.43 -2.45
CA SER A 41 13.12 6.44 -2.09
C SER A 41 14.21 5.83 -1.23
N GLY A 42 15.39 6.44 -1.28
CA GLY A 42 16.52 5.99 -0.49
C GLY A 42 17.17 4.76 -1.07
N VAL A 43 18.26 4.36 -0.44
CA VAL A 43 19.00 3.15 -0.78
C VAL A 43 18.84 2.14 0.35
N TRP A 44 18.53 0.90 0.00
CA TRP A 44 18.19 -0.10 1.02
C TRP A 44 19.17 -1.26 1.06
N ARG A 45 19.43 -1.74 2.27
CA ARG A 45 20.20 -2.95 2.47
C ARG A 45 19.25 -4.07 2.93
N LEU A 46 19.39 -5.24 2.32
CA LEU A 46 18.56 -6.40 2.64
C LEU A 46 19.39 -7.45 3.36
N TYR A 47 18.77 -8.19 4.26
CA TYR A 47 19.49 -9.17 5.08
C TYR A 47 18.79 -10.51 5.06
N ARG A 48 19.55 -11.60 5.15
CA ARG A 48 18.98 -12.95 5.19
C ARG A 48 18.27 -13.27 6.49
N GLU A 49 18.78 -12.72 7.59
CA GLU A 49 18.28 -13.03 8.92
C GLU A 49 17.60 -11.82 9.55
N PRO A 50 16.77 -12.05 10.58
CA PRO A 50 16.17 -10.94 11.32
C PRO A 50 17.22 -10.05 11.96
N ASN A 51 16.84 -8.83 12.34
CA ASN A 51 17.68 -7.97 13.17
C ASN A 51 18.97 -7.56 12.48
N PHE A 52 18.86 -7.36 11.18
CA PHE A 52 19.91 -6.75 10.37
C PHE A 52 21.21 -7.53 10.45
N GLN A 53 21.09 -8.85 10.30
CA GLN A 53 22.23 -9.74 10.29
C GLN A 53 22.30 -10.52 8.97
N SER A 54 23.53 -10.75 8.52
CA SER A 54 23.83 -11.44 7.26
C SER A 54 23.26 -10.71 6.04
N PRO A 55 23.87 -9.57 5.70
CA PRO A 55 23.40 -8.76 4.57
C PRO A 55 23.72 -9.37 3.21
N TYR A 56 22.82 -9.16 2.26
CA TYR A 56 23.13 -9.41 0.86
C TYR A 56 24.08 -8.32 0.38
N GLU A 57 24.88 -8.61 -0.64
CA GLU A 57 25.85 -7.63 -1.11
C GLU A 57 25.17 -6.52 -1.92
N ALA A 58 24.22 -6.91 -2.76
CA ALA A 58 23.50 -5.95 -3.60
C ALA A 58 22.68 -4.98 -2.78
N GLU A 59 22.87 -3.68 -3.04
CA GLU A 59 22.07 -2.64 -2.39
C GLU A 59 21.17 -1.95 -3.41
N PHE A 60 19.99 -1.53 -2.97
CA PHE A 60 18.94 -1.13 -3.91
C PHE A 60 18.50 0.32 -3.74
N GLY A 61 18.72 1.12 -4.76
CA GLY A 61 18.23 2.48 -4.78
C GLY A 61 16.85 2.49 -5.43
N PRO A 62 16.26 3.67 -5.63
CA PRO A 62 14.92 3.77 -6.23
C PRO A 62 14.84 3.02 -7.56
N GLY A 63 13.75 2.30 -7.77
CA GLY A 63 13.58 1.51 -8.98
C GLY A 63 12.58 0.38 -8.83
N ILE A 64 12.37 -0.35 -9.91
CA ILE A 64 11.46 -1.48 -9.96
C ILE A 64 12.26 -2.76 -10.21
N TYR A 65 12.16 -3.73 -9.30
CA TYR A 65 12.95 -4.97 -9.37
C TYR A 65 12.05 -6.19 -9.49
N PRO A 66 11.71 -6.58 -10.73
CA PRO A 66 10.65 -7.57 -11.02
C PRO A 66 10.99 -8.98 -10.63
N SER A 67 12.26 -9.27 -10.38
CA SER A 67 12.66 -10.63 -9.99
C SER A 67 13.91 -10.61 -9.13
N ILE A 68 13.75 -10.47 -7.82
CA ILE A 68 14.92 -10.25 -6.98
C ILE A 68 15.75 -11.53 -6.82
N ALA A 69 15.20 -12.66 -7.22
CA ALA A 69 15.98 -13.89 -7.31
C ALA A 69 17.18 -13.73 -8.24
N ASP A 70 17.06 -12.86 -9.23
CA ASP A 70 18.18 -12.56 -10.12
C ASP A 70 19.40 -12.04 -9.35
N TYR A 71 19.16 -11.35 -8.25
CA TYR A 71 20.22 -10.80 -7.44
C TYR A 71 20.64 -11.80 -6.35
N GLY A 72 20.13 -13.03 -6.44
CA GLY A 72 20.45 -14.07 -5.49
C GLY A 72 19.72 -13.95 -4.17
N ILE A 73 18.63 -13.20 -4.17
CA ILE A 73 17.87 -12.98 -2.96
C ILE A 73 16.60 -13.81 -2.98
N ASN A 74 16.48 -14.74 -2.05
CA ASN A 74 15.29 -15.58 -2.01
C ASN A 74 14.54 -15.43 -0.70
N VAL A 75 15.23 -14.97 0.33
CA VAL A 75 14.59 -14.72 1.63
C VAL A 75 15.08 -13.39 2.19
N ILE A 76 14.16 -12.64 2.80
CA ILE A 76 14.52 -11.37 3.42
C ILE A 76 14.12 -11.41 4.89
N GLY A 77 15.10 -11.57 5.78
CA GLY A 77 14.79 -11.64 7.18
C GLY A 77 14.59 -10.26 7.77
N SER A 78 15.25 -9.27 7.17
CA SER A 78 15.13 -7.89 7.62
C SER A 78 15.65 -6.97 6.51
N MET A 79 15.33 -5.69 6.61
CA MET A 79 15.84 -4.71 5.66
C MET A 79 15.75 -3.32 6.26
N LYS A 80 16.61 -2.42 5.80
CA LYS A 80 16.62 -1.06 6.33
C LYS A 80 17.20 -0.08 5.33
N ARG A 81 16.72 1.15 5.41
CA ARG A 81 17.19 2.23 4.58
C ARG A 81 18.54 2.69 5.13
N ILE A 82 19.56 2.74 4.29
CA ILE A 82 20.87 3.16 4.79
C ILE A 82 21.19 4.62 4.47
N SER A 83 20.42 5.20 3.56
CA SER A 83 20.58 6.60 3.19
C SER A 83 19.28 7.18 2.68
N ALA B 2 -0.39 4.87 -9.05
CA ALA B 2 -1.84 4.87 -8.83
C ALA B 2 -2.18 3.69 -7.92
N VAL B 3 -3.38 3.72 -7.33
CA VAL B 3 -3.85 2.61 -6.50
C VAL B 3 -5.25 2.22 -6.94
N LEU B 4 -5.45 0.94 -7.23
CA LEU B 4 -6.78 0.42 -7.62
C LEU B 4 -7.45 -0.21 -6.41
N PHE B 5 -8.75 -0.01 -6.23
CA PHE B 5 -9.48 -0.65 -5.12
C PHE B 5 -10.66 -1.48 -5.64
N ALA B 6 -10.89 -2.64 -5.03
CA ALA B 6 -11.95 -3.55 -5.49
C ALA B 6 -13.33 -2.99 -5.17
N ASP B 7 -13.44 -2.23 -4.09
CA ASP B 7 -14.71 -1.64 -3.71
C ASP B 7 -14.73 -0.14 -3.97
N ALA B 8 -15.92 0.43 -4.12
CA ALA B 8 -16.02 1.87 -4.27
C ALA B 8 -15.54 2.59 -3.03
N ASN B 9 -15.23 3.89 -3.17
CA ASN B 9 -14.83 4.71 -2.04
C ASN B 9 -13.56 4.20 -1.37
N GLN B 10 -12.64 3.69 -2.18
CA GLN B 10 -11.28 3.35 -1.75
C GLN B 10 -11.30 2.32 -0.61
N ARG B 11 -12.05 1.24 -0.80
CA ARG B 11 -12.11 0.16 0.18
C ARG B 11 -11.91 -1.17 -0.54
N GLY B 12 -11.77 -2.25 0.22
CA GLY B 12 -11.56 -3.56 -0.38
C GLY B 12 -10.11 -3.83 -0.71
N VAL B 13 -9.83 -4.99 -1.31
CA VAL B 13 -8.47 -5.34 -1.70
C VAL B 13 -7.95 -4.27 -2.65
N HIS B 14 -6.67 -3.95 -2.58
CA HIS B 14 -6.14 -2.89 -3.43
C HIS B 14 -4.86 -3.33 -4.12
N LYS B 15 -4.44 -2.57 -5.13
CA LYS B 15 -3.29 -2.92 -5.97
C LYS B 15 -2.54 -1.66 -6.35
N HIS B 16 -1.22 -1.67 -6.11
CA HIS B 16 -0.37 -0.53 -6.46
C HIS B 16 0.18 -0.63 -7.85
N ILE B 17 0.09 0.47 -8.59
CA ILE B 17 0.54 0.52 -9.97
C ILE B 17 1.72 1.46 -10.07
N PHE B 18 2.80 0.99 -10.65
CA PHE B 18 4.01 1.79 -10.80
C PHE B 18 4.29 2.03 -12.26
N GLU B 19 4.02 3.25 -12.71
CA GLU B 19 4.22 3.71 -14.10
C GLU B 19 3.27 3.06 -15.11
N SER B 20 3.13 1.74 -15.05
CA SER B 20 2.23 1.03 -15.96
C SER B 20 2.00 -0.40 -15.52
N ASP B 21 0.99 -1.02 -16.13
CA ASP B 21 0.70 -2.43 -15.94
C ASP B 21 0.05 -2.91 -17.24
N ALA B 22 0.76 -3.75 -18.00
CA ALA B 22 0.25 -4.26 -19.27
C ALA B 22 -0.78 -5.39 -19.09
N ASP B 23 -0.97 -5.86 -17.87
CA ASP B 23 -1.88 -6.97 -17.65
C ASP B 23 -2.35 -7.01 -16.20
N VAL B 24 -3.28 -6.10 -15.86
CA VAL B 24 -3.75 -5.97 -14.48
C VAL B 24 -4.36 -7.29 -13.96
N GLY B 25 -5.09 -7.97 -14.83
CA GLY B 25 -5.77 -9.21 -14.49
C GLY B 25 -4.86 -10.38 -14.19
N ALA B 26 -3.60 -10.26 -14.56
CA ALA B 26 -2.61 -11.32 -14.32
C ALA B 26 -2.27 -11.49 -12.84
N ASP B 27 -2.64 -10.51 -12.01
CA ASP B 27 -2.34 -10.53 -10.58
C ASP B 27 -3.33 -11.39 -9.82
N ILE B 28 -2.88 -12.53 -9.30
CA ILE B 28 -3.75 -13.46 -8.59
C ILE B 28 -4.35 -12.88 -7.30
N ALA B 29 -3.68 -11.89 -6.72
CA ALA B 29 -4.12 -11.30 -5.46
C ALA B 29 -5.09 -10.14 -5.65
N PHE B 30 -5.30 -9.73 -6.90
CA PHE B 30 -6.29 -8.70 -7.15
C PHE B 30 -7.45 -9.38 -7.83
N ASN B 31 -8.28 -10.00 -7.01
CA ASN B 31 -9.26 -10.97 -7.48
C ASN B 31 -10.60 -10.35 -7.86
N ALA B 32 -10.56 -9.17 -8.47
CA ALA B 32 -11.80 -8.43 -8.75
C ALA B 32 -11.66 -7.28 -9.74
N THR B 33 -12.81 -6.80 -10.20
CA THR B 33 -12.90 -5.66 -11.10
C THR B 33 -12.87 -4.41 -10.25
N PRO B 34 -11.97 -3.47 -10.57
CA PRO B 34 -11.79 -2.34 -9.65
C PRO B 34 -12.98 -1.40 -9.71
N ARG B 35 -13.28 -0.73 -8.60
CA ARG B 35 -14.42 0.18 -8.56
C ARG B 35 -14.04 1.58 -8.14
N SER B 36 -12.83 1.75 -7.60
CA SER B 36 -12.36 3.09 -7.30
C SER B 36 -10.84 3.15 -7.50
N MET B 37 -10.30 4.36 -7.54
CA MET B 37 -8.89 4.57 -7.88
C MET B 37 -8.39 5.86 -7.26
N VAL B 38 -7.14 5.84 -6.81
CA VAL B 38 -6.49 7.07 -6.41
C VAL B 38 -5.26 7.23 -7.30
N VAL B 39 -5.10 8.41 -7.87
CA VAL B 39 -3.91 8.73 -8.64
C VAL B 39 -3.09 9.67 -7.79
N LEU B 40 -1.86 9.28 -7.53
CA LEU B 40 -0.97 10.07 -6.69
C LEU B 40 -0.13 11.04 -7.53
N SER B 41 0.33 10.56 -8.67
CA SER B 41 1.08 11.44 -9.55
C SER B 41 0.91 10.95 -10.98
N GLY B 42 1.12 11.87 -11.91
CA GLY B 42 1.03 11.53 -13.32
C GLY B 42 -0.40 11.57 -13.81
N VAL B 43 -0.54 11.46 -15.12
CA VAL B 43 -1.85 11.38 -15.75
C VAL B 43 -1.90 10.03 -16.43
N TRP B 44 -2.99 9.30 -16.18
CA TRP B 44 -3.09 7.90 -16.57
C TRP B 44 -4.15 7.63 -17.64
N ARG B 45 -3.81 6.73 -18.54
CA ARG B 45 -4.76 6.19 -19.49
C ARG B 45 -5.12 4.77 -19.07
N LEU B 46 -6.41 4.44 -19.11
CA LEU B 46 -6.89 3.11 -18.75
C LEU B 46 -7.37 2.40 -20.02
N TYR B 47 -7.23 1.07 -20.05
CA TYR B 47 -7.56 0.28 -21.23
C TYR B 47 -8.41 -0.92 -20.85
N ARG B 48 -9.31 -1.31 -21.75
CA ARG B 48 -10.18 -2.45 -21.51
C ARG B 48 -9.42 -3.77 -21.58
N GLU B 49 -8.41 -3.82 -22.45
CA GLU B 49 -7.65 -5.03 -22.73
C GLU B 49 -6.21 -4.93 -22.21
N PRO B 50 -5.55 -6.07 -22.03
CA PRO B 50 -4.11 -6.11 -21.74
C PRO B 50 -3.27 -5.47 -22.84
N ASN B 51 -2.04 -5.09 -22.53
CA ASN B 51 -1.09 -4.56 -23.50
C ASN B 51 -1.59 -3.30 -24.21
N PHE B 52 -2.38 -2.52 -23.48
CA PHE B 52 -2.75 -1.15 -23.85
C PHE B 52 -3.55 -1.09 -25.14
N GLN B 53 -4.56 -1.95 -25.23
CA GLN B 53 -5.49 -1.98 -26.35
C GLN B 53 -6.91 -1.62 -25.88
N SER B 54 -7.63 -0.87 -26.71
CA SER B 54 -8.98 -0.41 -26.41
C SER B 54 -9.04 0.56 -25.23
N PRO B 55 -8.42 1.75 -25.39
CA PRO B 55 -8.42 2.75 -24.32
C PRO B 55 -9.80 3.28 -23.99
N TYR B 56 -10.00 3.59 -22.71
CA TYR B 56 -11.10 4.46 -22.30
C TYR B 56 -10.74 5.89 -22.67
N GLU B 57 -11.75 6.71 -22.93
CA GLU B 57 -11.46 8.08 -23.32
C GLU B 57 -11.05 8.96 -22.14
N ALA B 58 -11.55 8.65 -20.95
CA ALA B 58 -11.22 9.44 -19.77
C ALA B 58 -9.74 9.29 -19.39
N GLU B 59 -9.09 10.40 -19.08
CA GLU B 59 -7.69 10.39 -18.62
C GLU B 59 -7.65 10.92 -17.19
N PHE B 60 -6.85 10.27 -16.34
CA PHE B 60 -6.93 10.54 -14.91
C PHE B 60 -5.66 11.12 -14.34
N GLY B 61 -5.73 12.38 -13.93
CA GLY B 61 -4.64 13.02 -13.20
C GLY B 61 -4.80 12.77 -11.71
N PRO B 62 -3.90 13.37 -10.90
CA PRO B 62 -3.94 13.15 -9.44
C PRO B 62 -5.30 13.48 -8.87
N GLY B 63 -5.74 12.65 -7.95
CA GLY B 63 -7.07 12.77 -7.39
C GLY B 63 -7.61 11.47 -6.83
N ILE B 64 -8.80 11.56 -6.26
CA ILE B 64 -9.52 10.43 -5.69
C ILE B 64 -10.77 10.20 -6.52
N TYR B 65 -10.94 8.98 -7.01
CA TYR B 65 -12.06 8.63 -7.90
C TYR B 65 -12.89 7.51 -7.29
N PRO B 66 -13.90 7.87 -6.48
CA PRO B 66 -14.58 6.91 -5.60
C PRO B 66 -15.47 5.91 -6.31
N SER B 67 -15.79 6.19 -7.57
CA SER B 67 -16.61 5.28 -8.38
C SER B 67 -16.27 5.43 -9.84
N ILE B 68 -15.35 4.60 -10.35
CA ILE B 68 -14.89 4.80 -11.72
C ILE B 68 -15.91 4.32 -12.74
N ALA B 69 -16.90 3.56 -12.29
CA ALA B 69 -18.06 3.23 -13.14
C ALA B 69 -18.76 4.49 -13.63
N ASP B 70 -18.71 5.56 -12.83
CA ASP B 70 -19.27 6.85 -13.24
C ASP B 70 -18.63 7.34 -14.53
N TYR B 71 -17.41 6.88 -14.80
CA TYR B 71 -16.68 7.27 -16.00
C TYR B 71 -16.82 6.23 -17.11
N GLY B 72 -17.70 5.26 -16.91
CA GLY B 72 -17.94 4.20 -17.88
C GLY B 72 -16.92 3.08 -17.83
N ILE B 73 -16.22 2.98 -16.70
CA ILE B 73 -15.12 2.02 -16.58
C ILE B 73 -15.50 0.81 -15.74
N ASN B 74 -15.50 -0.35 -16.38
CA ASN B 74 -15.75 -1.60 -15.71
C ASN B 74 -14.43 -2.34 -15.48
N VAL B 75 -13.92 -2.94 -16.54
CA VAL B 75 -12.71 -3.74 -16.49
C VAL B 75 -11.49 -2.88 -16.83
N ILE B 76 -10.42 -3.06 -16.08
CA ILE B 76 -9.16 -2.44 -16.44
C ILE B 76 -8.19 -3.55 -16.80
N GLY B 77 -7.98 -3.73 -18.11
CA GLY B 77 -7.06 -4.74 -18.58
C GLY B 77 -5.62 -4.30 -18.50
N SER B 78 -5.39 -2.99 -18.68
CA SER B 78 -4.05 -2.43 -18.57
C SER B 78 -4.19 -0.93 -18.35
N MET B 79 -3.10 -0.28 -17.93
CA MET B 79 -3.14 1.15 -17.70
C MET B 79 -1.71 1.66 -17.70
N LYS B 80 -1.52 2.91 -18.09
CA LYS B 80 -0.17 3.48 -18.10
C LYS B 80 -0.22 4.99 -17.98
N ARG B 81 0.88 5.56 -17.48
CA ARG B 81 1.01 7.00 -17.44
C ARG B 81 1.26 7.52 -18.85
N ILE B 82 0.64 8.64 -19.18
CA ILE B 82 0.96 9.29 -20.45
C ILE B 82 1.69 10.58 -20.14
N SER B 83 1.75 10.90 -18.86
CA SER B 83 2.60 11.97 -18.35
C SER B 83 2.79 11.77 -16.85
N ALA C 2 -2.02 8.33 5.17
CA ALA C 2 -1.67 7.52 6.32
C ALA C 2 -1.88 6.07 5.98
N VAL C 3 -1.24 5.18 6.74
CA VAL C 3 -1.44 3.75 6.58
C VAL C 3 -1.73 3.14 7.94
N LEU C 4 -2.81 2.38 8.02
CA LEU C 4 -3.15 1.67 9.25
C LEU C 4 -2.72 0.21 9.11
N PHE C 5 -2.23 -0.38 10.21
CA PHE C 5 -1.81 -1.79 10.19
C PHE C 5 -2.52 -2.58 11.30
N ALA C 6 -2.91 -3.81 11.00
CA ALA C 6 -3.67 -4.61 11.94
C ALA C 6 -2.84 -5.01 13.16
N ASP C 7 -1.54 -5.22 12.95
CA ASP C 7 -0.63 -5.64 14.03
C ASP C 7 0.38 -4.55 14.37
N ALA C 8 1.04 -4.69 15.52
CA ALA C 8 2.08 -3.76 15.92
C ALA C 8 3.26 -3.83 14.96
N ASN C 9 4.10 -2.79 14.98
CA ASN C 9 5.30 -2.73 14.15
C ASN C 9 5.01 -2.84 12.65
N GLN C 10 3.89 -2.24 12.22
CA GLN C 10 3.53 -2.14 10.82
C GLN C 10 3.48 -3.51 10.19
N ARG C 11 2.77 -4.40 10.85
CA ARG C 11 2.56 -5.75 10.34
C ARG C 11 1.07 -6.05 10.24
N GLY C 12 0.73 -7.16 9.59
CA GLY C 12 -0.66 -7.55 9.45
C GLY C 12 -1.25 -6.88 8.22
N VAL C 13 -2.54 -7.07 7.99
CA VAL C 13 -3.17 -6.44 6.84
C VAL C 13 -3.11 -4.93 7.05
N HIS C 14 -3.12 -4.17 5.96
CA HIS C 14 -3.00 -2.72 6.09
C HIS C 14 -4.07 -2.01 5.27
N LYS C 15 -4.23 -0.73 5.52
CA LYS C 15 -5.27 0.06 4.85
C LYS C 15 -4.75 1.47 4.59
N HIS C 16 -4.89 1.94 3.35
CA HIS C 16 -4.45 3.30 3.03
C HIS C 16 -5.53 4.33 3.25
N ILE C 17 -5.17 5.42 3.91
CA ILE C 17 -6.12 6.50 4.17
C ILE C 17 -5.76 7.73 3.34
N PHE C 18 -6.72 8.24 2.59
CA PHE C 18 -6.51 9.45 1.80
C PHE C 18 -7.35 10.60 2.33
N GLU C 19 -6.66 11.55 2.98
CA GLU C 19 -7.27 12.75 3.59
C GLU C 19 -8.13 12.45 4.81
N SER C 20 -9.02 11.46 4.69
CA SER C 20 -9.96 11.14 5.76
C SER C 20 -10.68 9.81 5.52
N ASP C 21 -11.23 9.25 6.59
CA ASP C 21 -12.08 8.08 6.47
C ASP C 21 -13.12 8.18 7.55
N ALA C 22 -14.39 8.35 7.14
CA ALA C 22 -15.49 8.50 8.09
C ALA C 22 -15.92 7.18 8.71
N ASP C 23 -15.39 6.06 8.24
CA ASP C 23 -15.87 4.75 8.69
C ASP C 23 -14.84 3.67 8.36
N VAL C 24 -13.75 3.69 9.11
CA VAL C 24 -12.66 2.77 8.88
C VAL C 24 -13.12 1.31 8.95
N GLY C 25 -14.00 1.02 9.91
CA GLY C 25 -14.46 -0.33 10.14
C GLY C 25 -15.36 -0.88 9.04
N ALA C 26 -15.77 -0.04 8.10
CA ALA C 26 -16.69 -0.49 7.07
C ALA C 26 -15.94 -1.13 5.90
N ASP C 27 -14.62 -1.15 5.96
CA ASP C 27 -13.80 -1.75 4.91
C ASP C 27 -13.70 -3.25 5.15
N ILE C 28 -14.24 -4.05 4.25
CA ILE C 28 -14.23 -5.50 4.42
C ILE C 28 -12.82 -6.11 4.34
N ALA C 29 -11.87 -5.39 3.75
CA ALA C 29 -10.53 -5.94 3.57
C ALA C 29 -9.66 -5.61 4.78
N PHE C 30 -10.20 -4.83 5.70
CA PHE C 30 -9.50 -4.48 6.92
C PHE C 30 -10.38 -4.82 8.12
N ASN C 31 -10.58 -6.10 8.37
CA ASN C 31 -11.49 -6.49 9.45
C ASN C 31 -10.71 -6.67 10.73
N ALA C 32 -10.19 -5.57 11.26
CA ALA C 32 -9.32 -5.60 12.44
C ALA C 32 -9.23 -4.21 13.03
N THR C 33 -8.90 -4.12 14.31
CA THR C 33 -8.61 -2.83 14.92
C THR C 33 -7.16 -2.52 14.62
N PRO C 34 -6.84 -1.26 14.31
CA PRO C 34 -5.44 -0.99 13.95
C PRO C 34 -4.54 -1.02 15.17
N ARG C 35 -3.34 -1.57 15.04
CA ARG C 35 -2.42 -1.61 16.16
C ARG C 35 -1.16 -0.79 15.92
N SER C 36 -0.93 -0.36 14.68
CA SER C 36 0.16 0.58 14.40
C SER C 36 -0.23 1.44 13.20
N MET C 37 0.53 2.50 12.99
CA MET C 37 0.13 3.52 12.02
C MET C 37 1.34 4.26 11.49
N VAL C 38 1.33 4.57 10.20
CA VAL C 38 2.32 5.46 9.62
C VAL C 38 1.58 6.65 9.07
N VAL C 39 2.00 7.84 9.49
CA VAL C 39 1.48 9.09 8.92
C VAL C 39 2.51 9.61 7.94
N LEU C 40 2.10 9.81 6.70
CA LEU C 40 3.03 10.18 5.64
C LEU C 40 3.17 11.71 5.53
N SER C 41 2.06 12.41 5.67
CA SER C 41 2.09 13.86 5.64
C SER C 41 0.93 14.41 6.45
N GLY C 42 1.05 15.66 6.86
CA GLY C 42 -0.02 16.34 7.55
C GLY C 42 -0.15 15.97 9.01
N VAL C 43 -1.16 16.52 9.65
CA VAL C 43 -1.42 16.25 11.05
C VAL C 43 -2.83 15.70 11.17
N TRP C 44 -2.99 14.59 11.90
CA TRP C 44 -4.25 13.87 11.91
C TRP C 44 -4.89 13.77 13.28
N ARG C 45 -6.23 13.77 13.28
CA ARG C 45 -7.02 13.51 14.47
C ARG C 45 -7.69 12.16 14.31
N LEU C 46 -7.67 11.37 15.38
CA LEU C 46 -8.27 10.04 15.37
C LEU C 46 -9.53 10.08 16.24
N TYR C 47 -10.50 9.24 15.89
CA TYR C 47 -11.79 9.20 16.59
C TYR C 47 -12.17 7.77 16.95
N ARG C 48 -12.81 7.60 18.11
CA ARG C 48 -13.24 6.28 18.55
C ARG C 48 -14.37 5.71 17.70
N GLU C 49 -15.18 6.60 17.17
CA GLU C 49 -16.41 6.25 16.49
C GLU C 49 -16.43 6.73 15.04
N PRO C 50 -17.30 6.14 14.22
CA PRO C 50 -17.46 6.60 12.84
C PRO C 50 -17.91 8.04 12.74
N ASN C 51 -17.77 8.65 11.57
CA ASN C 51 -18.31 9.99 11.30
C ASN C 51 -17.73 11.06 12.21
N PHE C 52 -16.48 10.85 12.63
CA PHE C 52 -15.68 11.84 13.34
C PHE C 52 -16.29 12.22 14.67
N GLN C 53 -16.74 11.21 15.42
CA GLN C 53 -17.24 11.44 16.77
C GLN C 53 -16.32 10.80 17.82
N SER C 54 -16.28 11.41 18.99
CA SER C 54 -15.49 10.93 20.12
C SER C 54 -13.98 10.91 19.80
N PRO C 55 -13.40 12.10 19.56
CA PRO C 55 -12.00 12.22 19.22
C PRO C 55 -11.08 11.81 20.35
N TYR C 56 -9.97 11.16 20.00
CA TYR C 56 -8.88 10.98 20.94
C TYR C 56 -8.15 12.31 21.13
N GLU C 57 -7.52 12.49 22.29
CA GLU C 57 -6.79 13.72 22.57
C GLU C 57 -5.52 13.86 21.72
N ALA C 58 -4.78 12.76 21.59
CA ALA C 58 -3.52 12.78 20.86
C ALA C 58 -3.72 13.03 19.37
N GLU C 59 -2.97 13.98 18.82
CA GLU C 59 -2.95 14.21 17.38
C GLU C 59 -1.60 13.79 16.81
N PHE C 60 -1.61 13.36 15.54
CA PHE C 60 -0.44 12.67 14.98
C PHE C 60 0.07 13.35 13.74
N GLY C 61 1.32 13.81 13.81
CA GLY C 61 2.01 14.32 12.65
C GLY C 61 2.75 13.18 11.97
N PRO C 62 3.48 13.48 10.89
CA PRO C 62 4.16 12.44 10.12
C PRO C 62 5.12 11.63 10.98
N GLY C 63 5.10 10.32 10.81
CA GLY C 63 5.97 9.47 11.59
C GLY C 63 5.51 8.04 11.58
N ILE C 64 6.22 7.20 12.33
CA ILE C 64 5.91 5.80 12.43
C ILE C 64 5.49 5.53 13.86
N TYR C 65 4.31 4.94 14.03
CA TYR C 65 3.78 4.70 15.36
C TYR C 65 3.55 3.20 15.55
N PRO C 66 4.58 2.50 16.03
CA PRO C 66 4.59 1.03 16.04
C PRO C 66 3.63 0.37 17.02
N SER C 67 3.16 1.10 18.02
CA SER C 67 2.14 0.55 18.89
C SER C 67 1.21 1.67 19.36
N ILE C 68 0.10 1.89 18.66
CA ILE C 68 -0.71 3.06 18.99
C ILE C 68 -1.48 2.88 20.29
N ALA C 69 -1.55 1.64 20.79
CA ALA C 69 -2.10 1.41 22.13
C ALA C 69 -1.30 2.19 23.18
N ASP C 70 -0.02 2.44 22.91
CA ASP C 70 0.80 3.25 23.82
C ASP C 70 0.28 4.67 23.97
N TYR C 71 -0.50 5.14 22.99
CA TYR C 71 -1.04 6.50 23.04
C TYR C 71 -2.46 6.50 23.55
N GLY C 72 -2.95 5.33 23.99
CA GLY C 72 -4.31 5.19 24.47
C GLY C 72 -5.32 4.81 23.39
N ILE C 73 -4.83 4.60 22.17
CA ILE C 73 -5.71 4.31 21.03
C ILE C 73 -6.04 2.83 20.93
N ASN C 74 -7.32 2.49 21.02
CA ASN C 74 -7.74 1.10 20.82
C ASN C 74 -8.50 0.92 19.50
N VAL C 75 -9.67 1.52 19.42
CA VAL C 75 -10.46 1.45 18.20
C VAL C 75 -10.32 2.76 17.43
N ILE C 76 -10.22 2.68 16.11
CA ILE C 76 -10.28 3.88 15.30
C ILE C 76 -11.50 3.79 14.40
N GLY C 77 -12.56 4.48 14.79
CA GLY C 77 -13.79 4.48 14.01
C GLY C 77 -13.66 5.35 12.77
N SER C 78 -12.91 6.44 12.89
CA SER C 78 -12.70 7.36 11.80
C SER C 78 -11.46 8.22 12.08
N MET C 79 -10.99 8.94 11.07
CA MET C 79 -9.81 9.78 11.23
C MET C 79 -9.75 10.76 10.09
N LYS C 80 -9.12 11.90 10.32
CA LYS C 80 -9.04 12.91 9.28
C LYS C 80 -7.84 13.82 9.47
N ARG C 81 -7.34 14.34 8.37
CA ARG C 81 -6.29 15.34 8.38
C ARG C 81 -6.86 16.66 8.85
N ILE C 82 -6.29 17.23 9.90
CA ILE C 82 -6.73 18.53 10.36
C ILE C 82 -5.81 19.66 9.88
N SER C 83 -4.63 19.32 9.38
CA SER C 83 -3.77 20.31 8.72
C SER C 83 -2.73 19.64 7.83
FE FE2 D . -0.82 -1.24 0.01
#